data_5WC9
#
_entry.id   5WC9
#
_cell.length_a   66.415
_cell.length_b   97.518
_cell.length_c   85.093
_cell.angle_alpha   90.00
_cell.angle_beta   93.65
_cell.angle_gamma   90.00
#
_symmetry.space_group_name_H-M   'P 1 21 1'
#
loop_
_entity.id
_entity.type
_entity.pdbx_description
1 polymer 'Pituitary-specific positive transcription factor 1'
2 polymer "DNA (5'-D(*CP*CP*AP*TP*TP*CP*AP*TP*TP*CP*AP*TP*TP*CP*AP*TP*TP*CP*GP*GP*A)-3')"
3 polymer "DNA (5'-D(*CP*CP*GP*AP*AP*TP*GP*AP*AP*TP*GP*AP*AP*TP*GP*AP*AP*TP*GP*GP*T)-3')"
#
loop_
_entity_poly.entity_id
_entity_poly.type
_entity_poly.pdbx_seq_one_letter_code
_entity_poly.pdbx_strand_id
1 'polypeptide(L)'
;GHMDSPEIRELEKFANEFKVRRIKLGYTQTNVGEALAAVHGSEFSQTTICRFENLQLSFKNACKLKAILSKWLEEAEQVG
ALYNEKVGANERKRKRRTTISIAAKDALERHFGEQNKPSSQEIMRMAEELNLEKEVVRVWFCNRRQREKRVK
;
B,A,E,F
2 'polydeoxyribonucleotide'
;(DC)(DC)(DA)(DT)(DT)(DC)(DA)(DT)(DT)(DC)(DA)(DT)(DT)(DC)(DA)(DT)(DT)(DC)(DG)(DG)
(DA)
;
C,G
3 'polydeoxyribonucleotide'
;(DC)(DC)(DG)(DA)(DA)(DT)(DG)(DA)(DA)(DT)(DG)(DA)(DA)(DT)(DG)(DA)(DA)(DT)(DG)(DG)
(DT)
;
D,H
#
loop_
_chem_comp.id
_chem_comp.type
_chem_comp.name
_chem_comp.formula
DA DNA linking 2'-DEOXYADENOSINE-5'-MONOPHOSPHATE 'C10 H14 N5 O6 P'
DC DNA linking 2'-DEOXYCYTIDINE-5'-MONOPHOSPHATE 'C9 H14 N3 O7 P'
DG DNA linking 2'-DEOXYGUANOSINE-5'-MONOPHOSPHATE 'C10 H14 N5 O7 P'
DT DNA linking THYMIDINE-5'-MONOPHOSPHATE 'C10 H15 N2 O8 P'
#
# COMPACT_ATOMS: atom_id res chain seq x y z
N ASP A 4 34.21 -5.27 -13.81
CA ASP A 4 35.02 -6.48 -13.88
C ASP A 4 36.47 -6.15 -13.56
N SER A 5 37.12 -7.01 -12.79
CA SER A 5 38.49 -6.79 -12.37
C SER A 5 39.11 -8.10 -11.91
N PRO A 6 40.44 -8.25 -11.96
CA PRO A 6 41.06 -9.51 -11.55
C PRO A 6 40.75 -9.91 -10.12
N GLU A 7 40.39 -8.94 -9.27
CA GLU A 7 40.04 -9.27 -7.89
C GLU A 7 38.62 -9.83 -7.79
N ILE A 8 37.69 -9.30 -8.60
CA ILE A 8 36.33 -9.83 -8.60
C ILE A 8 36.30 -11.24 -9.16
N ARG A 9 37.11 -11.51 -10.19
CA ARG A 9 37.17 -12.85 -10.76
C ARG A 9 37.68 -13.86 -9.74
N GLU A 10 38.79 -13.53 -9.07
CA GLU A 10 39.29 -14.38 -8.00
C GLU A 10 38.30 -14.46 -6.84
N LEU A 11 37.42 -13.47 -6.73
CA LEU A 11 36.41 -13.46 -5.67
C LEU A 11 35.27 -14.41 -6.02
N GLU A 12 34.83 -14.38 -7.28
CA GLU A 12 33.81 -15.32 -7.74
C GLU A 12 34.31 -16.76 -7.62
N LYS A 13 35.53 -17.02 -8.08
CA LYS A 13 36.07 -18.38 -8.05
C LYS A 13 36.08 -18.93 -6.63
N PHE A 14 36.52 -18.13 -5.66
CA PHE A 14 36.54 -18.59 -4.28
C PHE A 14 35.14 -18.84 -3.74
N ALA A 15 34.20 -17.92 -4.02
CA ALA A 15 32.84 -18.08 -3.54
C ALA A 15 32.21 -19.35 -4.10
N ASN A 16 32.47 -19.65 -5.38
CA ASN A 16 31.96 -20.88 -5.97
C ASN A 16 32.66 -22.10 -5.36
N GLU A 17 33.98 -22.03 -5.21
CA GLU A 17 34.71 -23.15 -4.61
C GLU A 17 34.34 -23.34 -3.16
N PHE A 18 34.09 -22.24 -2.43
CA PHE A 18 33.68 -22.37 -1.04
C PHE A 18 32.33 -23.04 -0.91
N LYS A 19 31.43 -22.83 -1.86
CA LYS A 19 30.10 -23.43 -1.78
C LYS A 19 30.16 -24.94 -1.96
N VAL A 20 30.88 -25.42 -2.97
CA VAL A 20 30.95 -26.86 -3.22
C VAL A 20 31.65 -27.56 -2.08
N ARG A 21 32.82 -27.07 -1.68
CA ARG A 21 33.56 -27.71 -0.59
C ARG A 21 32.80 -27.63 0.72
N ARG A 22 31.96 -26.61 0.91
CA ARG A 22 31.15 -26.54 2.11
C ARG A 22 30.07 -27.63 2.10
N ILE A 23 29.47 -27.86 0.95
CA ILE A 23 28.41 -28.87 0.85
C ILE A 23 29.01 -30.26 0.95
N LYS A 24 30.12 -30.50 0.25
CA LYS A 24 30.80 -31.79 0.32
C LYS A 24 31.22 -32.11 1.76
N LEU A 25 31.50 -31.08 2.56
CA LEU A 25 31.85 -31.25 3.96
C LEU A 25 30.63 -31.29 4.87
N GLY A 26 29.43 -31.13 4.34
CA GLY A 26 28.22 -31.24 5.13
C GLY A 26 27.93 -30.08 6.05
N TYR A 27 28.39 -28.88 5.72
CA TYR A 27 28.11 -27.70 6.50
C TYR A 27 26.98 -26.89 5.87
N THR A 28 26.07 -26.41 6.71
CA THR A 28 25.06 -25.46 6.29
C THR A 28 25.55 -24.04 6.47
N GLN A 29 24.90 -23.10 5.79
CA GLN A 29 25.27 -21.70 5.92
C GLN A 29 25.23 -21.25 7.37
N THR A 30 24.27 -21.73 8.14
CA THR A 30 24.23 -21.42 9.56
C THR A 30 25.41 -22.03 10.30
N ASN A 31 25.86 -23.20 9.87
CA ASN A 31 26.96 -23.87 10.57
C ASN A 31 28.29 -23.18 10.35
N VAL A 32 28.59 -22.80 9.10
CA VAL A 32 29.86 -22.09 8.85
C VAL A 32 29.87 -20.75 9.57
N GLY A 33 28.73 -20.05 9.58
CA GLY A 33 28.66 -18.80 10.32
C GLY A 33 28.91 -18.99 11.80
N GLU A 34 28.47 -20.13 12.34
CA GLU A 34 28.67 -20.44 13.75
C GLU A 34 30.10 -20.93 14.02
N ALA A 35 30.63 -21.78 13.15
CA ALA A 35 31.92 -22.42 13.37
C ALA A 35 33.09 -21.52 12.99
N LEU A 36 32.89 -20.20 13.01
CA LEU A 36 33.94 -19.25 12.68
C LEU A 36 34.52 -18.53 13.89
N ALA A 37 33.91 -18.67 15.07
CA ALA A 37 34.50 -18.07 16.27
C ALA A 37 35.88 -18.63 16.56
N ALA A 38 36.20 -19.81 16.03
CA ALA A 38 37.51 -20.39 16.26
C ALA A 38 38.59 -19.64 15.48
N VAL A 39 38.25 -19.09 14.32
CA VAL A 39 39.19 -18.35 13.49
C VAL A 39 38.92 -16.86 13.48
N HIS A 40 37.83 -16.40 14.10
CA HIS A 40 37.47 -15.00 14.04
C HIS A 40 37.28 -14.40 15.43
N GLY A 41 36.80 -15.21 16.37
CA GLY A 41 36.53 -14.75 17.71
C GLY A 41 35.08 -14.36 17.95
N SER A 42 34.23 -14.51 16.94
CA SER A 42 32.82 -14.16 16.98
C SER A 42 32.18 -14.80 15.77
N GLU A 43 30.91 -15.18 15.90
CA GLU A 43 30.25 -15.93 14.85
C GLU A 43 29.48 -14.99 13.93
N PHE A 44 29.13 -15.50 12.77
CA PHE A 44 28.35 -14.79 11.78
C PHE A 44 26.96 -15.42 11.67
N SER A 45 26.26 -15.09 10.60
CA SER A 45 24.88 -15.52 10.44
C SER A 45 24.70 -16.15 9.07
N GLN A 46 23.67 -16.99 8.95
CA GLN A 46 23.35 -17.58 7.66
C GLN A 46 23.05 -16.51 6.62
N THR A 47 22.50 -15.37 7.06
CA THR A 47 22.30 -14.24 6.16
C THR A 47 23.61 -13.74 5.59
N THR A 48 24.60 -13.51 6.47
CA THR A 48 25.89 -12.99 6.03
C THR A 48 26.58 -13.96 5.09
N ILE A 49 26.57 -15.25 5.41
CA ILE A 49 27.20 -16.25 4.56
C ILE A 49 26.52 -16.30 3.19
N CYS A 50 25.19 -16.30 3.20
CA CYS A 50 24.45 -16.28 1.94
C CYS A 50 24.86 -15.09 1.08
N ARG A 51 25.04 -13.93 1.71
CA ARG A 51 25.49 -12.75 0.98
C ARG A 51 26.86 -12.98 0.37
N PHE A 52 27.75 -13.68 1.08
CA PHE A 52 29.09 -13.92 0.54
C PHE A 52 29.05 -14.89 -0.63
N GLU A 53 28.39 -16.04 -0.46
CA GLU A 53 28.33 -17.02 -1.53
C GLU A 53 27.73 -16.43 -2.79
N ASN A 54 26.71 -15.60 -2.65
CA ASN A 54 26.09 -14.94 -3.78
C ASN A 54 26.71 -13.58 -4.08
N LEU A 55 27.77 -13.22 -3.34
CA LEU A 55 28.46 -11.94 -3.50
C LEU A 55 27.49 -10.77 -3.41
N GLN A 56 26.58 -10.82 -2.44
CA GLN A 56 25.67 -9.71 -2.17
C GLN A 56 26.15 -8.90 -0.97
N LEU A 57 27.36 -8.39 -1.11
CA LEU A 57 27.94 -7.46 -0.15
C LEU A 57 28.98 -6.61 -0.87
N SER A 58 29.52 -5.64 -0.15
CA SER A 58 30.50 -4.73 -0.73
C SER A 58 31.81 -5.44 -1.03
N PHE A 59 32.57 -4.85 -1.94
CA PHE A 59 33.87 -5.39 -2.31
C PHE A 59 34.80 -5.46 -1.11
N LYS A 60 34.84 -4.39 -0.30
CA LYS A 60 35.71 -4.38 0.87
C LYS A 60 35.31 -5.46 1.86
N ASN A 61 34.01 -5.62 2.09
CA ASN A 61 33.53 -6.66 3.00
C ASN A 61 33.84 -8.05 2.45
N ALA A 62 33.77 -8.22 1.12
CA ALA A 62 34.04 -9.51 0.52
C ALA A 62 35.47 -9.96 0.73
N CYS A 63 36.43 -9.05 0.54
CA CYS A 63 37.82 -9.39 0.74
C CYS A 63 38.10 -9.78 2.19
N LYS A 64 37.47 -9.07 3.14
CA LYS A 64 37.62 -9.43 4.54
C LYS A 64 37.10 -10.84 4.82
N LEU A 65 35.85 -11.11 4.41
CA LEU A 65 35.24 -12.40 4.72
C LEU A 65 35.94 -13.54 4.00
N LYS A 66 36.38 -13.31 2.76
CA LYS A 66 37.13 -14.34 2.04
C LYS A 66 38.37 -14.74 2.82
N ALA A 67 39.02 -13.78 3.48
CA ALA A 67 40.18 -14.09 4.30
C ALA A 67 39.78 -14.92 5.51
N ILE A 68 38.71 -14.53 6.20
CA ILE A 68 38.23 -15.29 7.35
C ILE A 68 37.79 -16.68 6.92
N LEU A 69 37.07 -16.77 5.81
CA LEU A 69 36.50 -18.04 5.37
C LEU A 69 37.54 -18.98 4.79
N SER A 70 38.56 -18.45 4.11
CA SER A 70 39.60 -19.30 3.53
C SER A 70 40.41 -19.99 4.61
N LYS A 71 40.78 -19.26 5.68
CA LYS A 71 41.51 -19.89 6.77
C LYS A 71 40.67 -20.94 7.48
N TRP A 72 39.36 -20.72 7.59
CA TRP A 72 38.51 -21.70 8.24
C TRP A 72 38.29 -22.92 7.37
N LEU A 73 38.04 -22.73 6.08
CA LEU A 73 37.78 -23.85 5.18
C LEU A 73 38.91 -24.88 5.25
N GLU A 74 40.15 -24.41 5.15
CA GLU A 74 41.30 -25.28 5.37
C GLU A 74 41.20 -25.97 6.72
N GLU A 75 40.90 -25.20 7.77
CA GLU A 75 40.85 -25.73 9.12
C GLU A 75 39.71 -26.74 9.29
N ALA A 76 38.68 -26.68 8.47
CA ALA A 76 37.56 -27.61 8.57
C ALA A 76 37.69 -28.78 7.60
N GLU A 77 38.91 -29.19 7.31
CA GLU A 77 39.22 -30.36 6.49
C GLU A 77 39.71 -31.46 7.43
N GLN A 78 38.79 -32.31 7.87
CA GLN A 78 39.11 -33.35 8.84
C GLN A 78 38.95 -34.72 8.20
N VAL A 79 39.02 -35.77 9.03
CA VAL A 79 39.08 -37.13 8.55
C VAL A 79 38.16 -38.04 9.35
N ARG A 96 7.49 -8.44 14.08
CA ARG A 96 8.48 -7.40 14.37
C ARG A 96 8.75 -6.56 13.12
N ARG A 97 9.00 -7.23 12.00
CA ARG A 97 9.21 -6.54 10.74
C ARG A 97 7.86 -6.23 10.10
N THR A 98 7.80 -5.13 9.37
CA THR A 98 6.62 -4.73 8.62
C THR A 98 6.92 -4.87 7.14
N THR A 99 6.13 -5.70 6.45
CA THR A 99 6.36 -5.97 5.04
C THR A 99 5.67 -4.91 4.19
N ILE A 100 6.39 -4.42 3.20
CA ILE A 100 5.91 -3.37 2.31
C ILE A 100 5.16 -4.00 1.14
N SER A 101 4.03 -3.40 0.78
CA SER A 101 3.19 -3.93 -0.28
C SER A 101 3.93 -4.01 -1.61
N ILE A 102 3.51 -4.95 -2.44
CA ILE A 102 4.10 -5.11 -3.77
C ILE A 102 3.91 -3.85 -4.60
N ALA A 103 2.76 -3.20 -4.45
CA ALA A 103 2.50 -1.97 -5.19
C ALA A 103 3.41 -0.84 -4.76
N ALA A 104 3.77 -0.79 -3.48
CA ALA A 104 4.69 0.25 -3.03
C ALA A 104 6.09 0.03 -3.56
N LYS A 105 6.56 -1.23 -3.59
CA LYS A 105 7.94 -1.49 -4.01
C LYS A 105 8.19 -1.07 -5.45
N ASP A 106 7.30 -1.40 -6.38
CA ASP A 106 7.53 -0.96 -7.75
C ASP A 106 7.45 0.55 -7.86
N ALA A 107 6.62 1.19 -7.03
CA ALA A 107 6.58 2.65 -7.02
C ALA A 107 7.88 3.23 -6.45
N LEU A 108 8.32 2.71 -5.30
CA LEU A 108 9.56 3.18 -4.70
C LEU A 108 10.75 2.94 -5.64
N GLU A 109 10.84 1.76 -6.23
CA GLU A 109 11.89 1.50 -7.19
C GLU A 109 11.75 2.41 -8.41
N ARG A 110 10.53 2.77 -8.77
CA ARG A 110 10.33 3.73 -9.85
C ARG A 110 10.78 5.13 -9.43
N HIS A 111 10.48 5.52 -8.19
CA HIS A 111 11.00 6.78 -7.67
C HIS A 111 12.51 6.73 -7.53
N PHE A 112 13.07 5.55 -7.26
CA PHE A 112 14.51 5.45 -7.10
C PHE A 112 15.24 5.67 -8.42
N GLY A 113 14.63 5.29 -9.54
CA GLY A 113 15.25 5.53 -10.82
C GLY A 113 15.41 6.99 -11.18
N GLU A 114 14.54 7.85 -10.66
CA GLU A 114 14.62 9.27 -10.95
C GLU A 114 15.35 10.08 -9.90
N GLN A 115 15.50 9.55 -8.68
CA GLN A 115 16.20 10.28 -7.61
C GLN A 115 16.73 9.26 -6.61
N ASN A 116 18.01 8.90 -6.76
CA ASN A 116 18.63 7.97 -5.83
C ASN A 116 18.62 8.52 -4.41
N LYS A 117 19.05 9.76 -4.23
CA LYS A 117 19.06 10.41 -2.93
C LYS A 117 17.92 11.41 -2.81
N PRO A 118 16.75 11.01 -2.36
CA PRO A 118 15.64 11.95 -2.23
C PRO A 118 15.78 12.81 -0.98
N SER A 119 15.16 13.98 -1.04
CA SER A 119 15.26 14.93 0.05
C SER A 119 14.47 14.46 1.27
N SER A 120 14.75 15.09 2.41
CA SER A 120 13.99 14.81 3.61
C SER A 120 12.52 15.17 3.45
N GLN A 121 12.20 16.09 2.55
CA GLN A 121 10.83 16.47 2.27
C GLN A 121 10.19 15.57 1.22
N GLU A 122 10.95 15.19 0.19
CA GLU A 122 10.45 14.23 -0.78
C GLU A 122 10.12 12.90 -0.12
N ILE A 123 10.88 12.51 0.91
CA ILE A 123 10.59 11.26 1.59
C ILE A 123 9.26 11.32 2.31
N MET A 124 8.97 12.44 2.96
CA MET A 124 7.67 12.56 3.64
C MET A 124 6.54 12.73 2.64
N ARG A 125 6.80 13.34 1.50
CA ARG A 125 5.77 13.50 0.48
C ARG A 125 5.38 12.16 -0.12
N MET A 126 6.34 11.26 -0.28
CA MET A 126 6.04 9.93 -0.82
C MET A 126 5.52 9.00 0.25
N ALA A 127 6.04 9.11 1.47
CA ALA A 127 5.54 8.31 2.58
C ALA A 127 4.03 8.50 2.75
N GLU A 128 3.53 9.70 2.51
CA GLU A 128 2.09 9.95 2.58
C GLU A 128 1.37 9.39 1.36
N GLU A 129 1.99 9.45 0.18
CA GLU A 129 1.37 8.89 -1.01
C GLU A 129 1.20 7.38 -0.89
N LEU A 130 2.06 6.72 -0.13
CA LEU A 130 2.01 5.28 0.03
C LEU A 130 1.44 4.82 1.37
N ASN A 131 1.15 5.75 2.27
CA ASN A 131 0.59 5.43 3.59
C ASN A 131 1.58 4.58 4.40
N LEU A 132 2.83 5.06 4.45
CA LEU A 132 3.88 4.40 5.21
C LEU A 132 4.51 5.41 6.15
N GLU A 133 5.18 4.90 7.18
CA GLU A 133 5.90 5.77 8.09
C GLU A 133 7.08 6.43 7.38
N LYS A 134 7.51 7.57 7.92
CA LYS A 134 8.61 8.30 7.31
C LYS A 134 9.90 7.50 7.37
N GLU A 135 10.18 6.84 8.49
CA GLU A 135 11.42 6.10 8.65
C GLU A 135 11.51 4.91 7.70
N VAL A 136 10.44 4.13 7.56
CA VAL A 136 10.49 2.94 6.72
C VAL A 136 10.83 3.31 5.28
N VAL A 137 10.28 4.42 4.78
CA VAL A 137 10.62 4.85 3.44
C VAL A 137 12.04 5.40 3.40
N ARG A 138 12.46 6.07 4.47
CA ARG A 138 13.81 6.59 4.55
C ARG A 138 14.83 5.45 4.54
N VAL A 139 14.64 4.46 5.41
CA VAL A 139 15.55 3.32 5.46
C VAL A 139 15.52 2.53 4.16
N TRP A 140 14.36 2.49 3.49
CA TRP A 140 14.26 1.78 2.22
C TRP A 140 15.29 2.31 1.22
N PHE A 141 15.31 3.63 1.01
CA PHE A 141 16.27 4.22 0.09
C PHE A 141 17.70 3.99 0.56
N CYS A 142 17.93 3.99 1.87
CA CYS A 142 19.25 3.69 2.39
C CYS A 142 19.68 2.29 1.97
N ASN A 143 18.87 1.28 2.31
CA ASN A 143 19.17 -0.09 1.90
C ASN A 143 19.18 -0.24 0.39
N ARG A 144 18.34 0.51 -0.31
CA ARG A 144 18.36 0.48 -1.78
C ARG A 144 19.68 0.99 -2.32
N ARG A 145 20.22 2.06 -1.73
CA ARG A 145 21.49 2.59 -2.19
C ARG A 145 22.63 1.61 -1.93
N GLN A 146 22.66 1.03 -0.72
CA GLN A 146 23.69 0.06 -0.40
C GLN A 146 23.62 -1.17 -1.30
N ARG A 147 22.41 -1.52 -1.75
CA ARG A 147 22.26 -2.66 -2.65
CA ARG A 147 22.26 -2.66 -2.65
C ARG A 147 23.07 -2.47 -3.92
N GLU A 148 23.19 -1.24 -4.41
CA GLU A 148 23.95 -0.95 -5.62
C GLU A 148 25.46 -0.95 -5.38
N LYS A 149 25.91 -1.16 -4.14
CA LYS A 149 27.32 -1.21 -3.80
C LYS A 149 27.83 -2.64 -3.69
N ARG A 150 27.13 -3.60 -4.27
CA ARG A 150 27.49 -5.01 -4.16
C ARG A 150 28.47 -5.41 -5.25
N VAL A 151 29.00 -6.63 -5.11
CA VAL A 151 29.87 -7.21 -6.13
C VAL A 151 28.99 -8.00 -7.09
N LYS A 152 27.77 -7.53 -7.31
CA LYS A 152 26.79 -8.21 -8.15
C LYS A 152 26.51 -9.62 -7.62
N ASP B 4 -5.98 -19.01 -16.44
CA ASP B 4 -5.07 -17.97 -15.96
C ASP B 4 -4.24 -17.38 -17.10
N SER B 5 -3.20 -16.65 -16.74
CA SER B 5 -2.39 -15.86 -17.68
C SER B 5 -1.83 -16.70 -18.82
N PRO B 6 -1.54 -16.09 -19.98
CA PRO B 6 -1.03 -16.86 -21.11
C PRO B 6 0.26 -17.60 -20.84
N GLU B 7 1.05 -17.18 -19.86
CA GLU B 7 2.26 -17.90 -19.52
C GLU B 7 1.99 -19.18 -18.74
N ILE B 8 0.94 -19.18 -17.92
CA ILE B 8 0.56 -20.39 -17.19
C ILE B 8 0.07 -21.46 -18.16
N ARG B 9 -0.59 -21.07 -19.25
CA ARG B 9 -1.09 -22.04 -20.21
C ARG B 9 0.04 -22.87 -20.81
N GLU B 10 1.11 -22.20 -21.22
CA GLU B 10 2.29 -22.92 -21.73
C GLU B 10 2.94 -23.77 -20.64
N LEU B 11 2.69 -23.46 -19.37
CA LEU B 11 3.27 -24.20 -18.26
C LEU B 11 2.58 -25.54 -18.08
N GLU B 12 1.24 -25.55 -18.17
CA GLU B 12 0.50 -26.80 -18.13
C GLU B 12 0.89 -27.71 -19.29
N LYS B 13 0.96 -27.14 -20.50
CA LYS B 13 1.24 -27.91 -21.70
C LYS B 13 2.56 -28.66 -21.58
N PHE B 14 3.60 -27.99 -21.08
CA PHE B 14 4.90 -28.65 -20.96
C PHE B 14 4.85 -29.80 -19.95
N ALA B 15 4.19 -29.59 -18.82
CA ALA B 15 4.13 -30.63 -17.80
C ALA B 15 3.46 -31.91 -18.34
N ASN B 16 2.42 -31.75 -19.17
CA ASN B 16 1.80 -32.93 -19.75
C ASN B 16 2.74 -33.62 -20.73
N GLU B 17 3.41 -32.84 -21.58
CA GLU B 17 4.36 -33.42 -22.51
C GLU B 17 5.58 -33.98 -21.79
N PHE B 18 6.01 -33.33 -20.71
CA PHE B 18 7.10 -33.87 -19.91
C PHE B 18 6.71 -35.19 -19.26
N LYS B 19 5.46 -35.31 -18.83
CA LYS B 19 5.05 -36.53 -18.14
C LYS B 19 5.00 -37.72 -19.10
N VAL B 20 4.44 -37.54 -20.29
CA VAL B 20 4.37 -38.64 -21.25
C VAL B 20 5.77 -39.04 -21.69
N ARG B 21 6.60 -38.07 -22.09
CA ARG B 21 7.95 -38.40 -22.53
C ARG B 21 8.78 -38.99 -21.40
N ARG B 22 8.49 -38.61 -20.16
CA ARG B 22 9.21 -39.20 -19.03
C ARG B 22 8.83 -40.66 -18.83
N ILE B 23 7.54 -40.97 -18.96
CA ILE B 23 7.10 -42.35 -18.77
C ILE B 23 7.44 -43.21 -19.98
N LYS B 24 7.20 -42.70 -21.18
CA LYS B 24 7.51 -43.45 -22.41
C LYS B 24 8.99 -43.82 -22.49
N LEU B 25 9.86 -43.00 -21.90
CA LEU B 25 11.28 -43.33 -21.85
C LEU B 25 11.63 -44.22 -20.67
N GLY B 26 10.65 -44.61 -19.86
CA GLY B 26 10.91 -45.53 -18.77
C GLY B 26 11.62 -44.92 -17.58
N TYR B 27 11.44 -43.63 -17.35
CA TYR B 27 12.02 -42.96 -16.20
C TYR B 27 10.97 -42.84 -15.11
N THR B 28 11.38 -43.13 -13.88
CA THR B 28 10.54 -42.86 -12.73
C THR B 28 10.85 -41.47 -12.18
N GLN B 29 9.92 -40.95 -11.38
CA GLN B 29 10.12 -39.63 -10.78
C GLN B 29 11.42 -39.57 -10.00
N THR B 30 11.76 -40.66 -9.29
CA THR B 30 13.03 -40.72 -8.60
C THR B 30 14.19 -40.77 -9.58
N ASN B 31 14.00 -41.41 -10.73
CA ASN B 31 15.08 -41.51 -11.72
C ASN B 31 15.36 -40.18 -12.39
N VAL B 32 14.30 -39.43 -12.73
CA VAL B 32 14.50 -38.12 -13.36
C VAL B 32 15.25 -37.19 -12.43
N GLY B 33 14.91 -37.20 -11.15
CA GLY B 33 15.62 -36.35 -10.20
C GLY B 33 17.10 -36.68 -10.13
N GLU B 34 17.44 -37.97 -10.24
CA GLU B 34 18.84 -38.36 -10.20
C GLU B 34 19.54 -38.10 -11.52
N ALA B 35 18.85 -38.35 -12.63
CA ALA B 35 19.47 -38.22 -13.95
C ALA B 35 19.54 -36.78 -14.42
N LEU B 36 19.52 -35.81 -13.49
CA LEU B 36 19.65 -34.41 -13.83
C LEU B 36 21.02 -33.85 -13.48
N ALA B 37 21.80 -34.57 -12.68
CA ALA B 37 23.15 -34.11 -12.36
C ALA B 37 24.03 -34.01 -13.59
N ALA B 38 23.68 -34.71 -14.67
CA ALA B 38 24.51 -34.66 -15.87
C ALA B 38 24.37 -33.34 -16.61
N VAL B 39 23.18 -32.73 -16.58
CA VAL B 39 22.93 -31.49 -17.28
C VAL B 39 22.75 -30.30 -16.35
N HIS B 40 22.79 -30.51 -15.04
CA HIS B 40 22.54 -29.44 -14.09
C HIS B 40 23.69 -29.29 -13.11
N GLY B 41 24.34 -30.40 -12.77
CA GLY B 41 25.41 -30.39 -11.81
C GLY B 41 25.00 -30.78 -10.42
N SER B 42 23.73 -31.09 -10.20
CA SER B 42 23.17 -31.46 -8.91
C SER B 42 21.80 -32.05 -9.16
N GLU B 43 21.42 -33.00 -8.33
CA GLU B 43 20.20 -33.75 -8.54
C GLU B 43 19.06 -33.16 -7.72
N PHE B 44 17.84 -33.54 -8.11
CA PHE B 44 16.62 -33.15 -7.44
C PHE B 44 16.02 -34.37 -6.75
N SER B 45 14.75 -34.27 -6.38
CA SER B 45 14.07 -35.31 -5.62
C SER B 45 12.76 -35.67 -6.30
N GLN B 46 12.28 -36.88 -6.03
CA GLN B 46 11.00 -37.30 -6.57
C GLN B 46 9.88 -36.38 -6.14
N THR B 47 9.99 -35.81 -4.93
CA THR B 47 9.02 -34.81 -4.49
C THR B 47 9.04 -33.60 -5.40
N THR B 48 10.22 -33.07 -5.70
CA THR B 48 10.32 -31.88 -6.55
C THR B 48 9.78 -32.15 -7.94
N ILE B 49 10.13 -33.30 -8.52
CA ILE B 49 9.64 -33.65 -9.85
C ILE B 49 8.13 -33.82 -9.84
N CYS B 50 7.60 -34.52 -8.84
CA CYS B 50 6.16 -34.70 -8.72
C CYS B 50 5.43 -33.36 -8.66
N ARG B 51 5.98 -32.42 -7.89
CA ARG B 51 5.36 -31.10 -7.79
C ARG B 51 5.31 -30.41 -9.14
N PHE B 52 6.35 -30.57 -9.97
CA PHE B 52 6.38 -29.92 -11.26
C PHE B 52 5.33 -30.49 -12.20
N GLU B 53 5.26 -31.82 -12.30
CA GLU B 53 4.28 -32.45 -13.18
C GLU B 53 2.87 -32.01 -12.82
N ASN B 54 2.59 -31.85 -11.53
CA ASN B 54 1.30 -31.39 -11.05
C ASN B 54 1.23 -29.88 -10.87
N LEU B 55 2.28 -29.15 -11.27
CA LEU B 55 2.34 -27.70 -11.10
C LEU B 55 2.05 -27.29 -9.67
N GLN B 56 2.64 -28.00 -8.72
CA GLN B 56 2.57 -27.64 -7.31
C GLN B 56 3.85 -26.92 -6.90
N LEU B 57 4.08 -25.79 -7.56
CA LEU B 57 5.17 -24.89 -7.25
C LEU B 57 4.74 -23.47 -7.59
N SER B 58 5.56 -22.52 -7.21
CA SER B 58 5.27 -21.13 -7.54
C SER B 58 5.46 -20.91 -9.03
N PHE B 59 4.85 -19.84 -9.53
CA PHE B 59 4.99 -19.53 -10.95
C PHE B 59 6.44 -19.34 -11.34
N LYS B 60 7.21 -18.61 -10.53
CA LYS B 60 8.62 -18.42 -10.81
C LYS B 60 9.39 -19.73 -10.72
N ASN B 61 9.10 -20.54 -9.70
CA ASN B 61 9.79 -21.82 -9.54
C ASN B 61 9.49 -22.77 -10.68
N ALA B 62 8.25 -22.75 -11.19
CA ALA B 62 7.90 -23.62 -12.31
C ALA B 62 8.68 -23.23 -13.56
N CYS B 63 8.80 -21.93 -13.81
CA CYS B 63 9.57 -21.47 -14.96
C CYS B 63 11.04 -21.86 -14.85
N LYS B 64 11.60 -21.79 -13.64
CA LYS B 64 12.97 -22.22 -13.43
C LYS B 64 13.13 -23.69 -13.76
N LEU B 65 12.30 -24.55 -13.15
CA LEU B 65 12.44 -25.99 -13.37
C LEU B 65 12.11 -26.37 -14.81
N LYS B 66 11.13 -25.70 -15.41
CA LYS B 66 10.81 -25.97 -16.80
C LYS B 66 12.03 -25.76 -17.70
N ALA B 67 12.87 -24.77 -17.38
CA ALA B 67 14.08 -24.55 -18.16
C ALA B 67 15.07 -25.70 -17.97
N ILE B 68 15.30 -26.10 -16.72
CA ILE B 68 16.24 -27.19 -16.46
C ILE B 68 15.73 -28.51 -17.05
N LEU B 69 14.44 -28.78 -16.89
CA LEU B 69 13.93 -30.07 -17.35
C LEU B 69 13.82 -30.14 -18.87
N SER B 70 13.52 -29.02 -19.53
CA SER B 70 13.47 -29.03 -20.99
C SER B 70 14.84 -29.35 -21.57
N LYS B 71 15.88 -28.76 -20.98
CA LYS B 71 17.24 -29.06 -21.41
C LYS B 71 17.57 -30.53 -21.17
N TRP B 72 17.03 -31.11 -20.09
CA TRP B 72 17.28 -32.52 -19.84
C TRP B 72 16.54 -33.40 -20.84
N LEU B 73 15.27 -33.06 -21.12
CA LEU B 73 14.50 -33.85 -22.07
C LEU B 73 15.22 -33.93 -23.42
N GLU B 74 15.67 -32.79 -23.93
CA GLU B 74 16.46 -32.79 -25.16
C GLU B 74 17.65 -33.73 -25.05
N GLU B 75 18.44 -33.58 -24.00
CA GLU B 75 19.61 -34.42 -23.82
C GLU B 75 19.27 -35.86 -23.47
N ALA B 76 18.10 -36.11 -22.87
CA ALA B 76 17.68 -37.45 -22.49
C ALA B 76 16.73 -38.10 -23.48
N GLU B 77 16.32 -37.38 -24.53
CA GLU B 77 15.51 -37.97 -25.58
C GLU B 77 16.30 -38.24 -26.85
N GLN B 78 17.58 -37.91 -26.87
CA GLN B 78 18.41 -38.09 -28.05
C GLN B 78 19.43 -39.19 -27.83
N VAL B 79 19.39 -39.81 -26.65
CA VAL B 79 20.24 -40.94 -26.32
C VAL B 79 19.70 -41.60 -25.06
N GLY B 80 18.68 -42.43 -25.23
CA GLY B 80 18.10 -43.15 -24.10
C GLY B 80 16.67 -43.55 -24.37
N ALA B 81 16.29 -44.68 -23.81
CA ALA B 81 14.92 -45.21 -23.93
C ALA B 81 14.66 -46.26 -22.86
N LYS B 95 15.60 -38.47 10.90
CA LYS B 95 14.67 -38.27 12.01
C LYS B 95 13.38 -39.03 11.74
N ARG B 96 12.26 -38.45 12.16
CA ARG B 96 10.95 -39.05 11.96
C ARG B 96 9.91 -37.94 11.98
N ARG B 97 8.92 -38.04 11.09
CA ARG B 97 7.89 -37.03 11.05
C ARG B 97 6.82 -37.31 12.10
N THR B 98 6.19 -36.23 12.57
CA THR B 98 5.07 -36.31 13.49
C THR B 98 3.81 -35.90 12.76
N THR B 99 2.84 -36.80 12.69
CA THR B 99 1.60 -36.54 11.95
C THR B 99 0.60 -35.81 12.85
N ILE B 100 -0.03 -34.80 12.30
CA ILE B 100 -1.01 -33.99 13.01
C ILE B 100 -2.37 -34.66 12.86
N SER B 101 -3.13 -34.72 13.96
CA SER B 101 -4.40 -35.40 13.95
C SER B 101 -5.35 -34.81 12.92
N ILE B 102 -6.23 -35.66 12.40
CA ILE B 102 -7.19 -35.22 11.39
C ILE B 102 -8.12 -34.15 11.94
N ALA B 103 -8.47 -34.25 13.23
CA ALA B 103 -9.35 -33.25 13.82
C ALA B 103 -8.68 -31.89 13.92
N ALA B 104 -7.37 -31.87 14.21
CA ALA B 104 -6.66 -30.61 14.29
C ALA B 104 -6.49 -29.97 12.92
N LYS B 105 -6.20 -30.78 11.89
CA LYS B 105 -6.01 -30.23 10.55
C LYS B 105 -7.28 -29.54 10.06
N ASP B 106 -8.43 -30.18 10.28
CA ASP B 106 -9.69 -29.56 9.90
C ASP B 106 -9.94 -28.30 10.72
N ALA B 107 -9.49 -28.29 11.98
CA ALA B 107 -9.60 -27.10 12.81
C ALA B 107 -8.70 -25.99 12.32
N LEU B 108 -7.43 -26.32 12.03
CA LEU B 108 -6.50 -25.32 11.51
C LEU B 108 -7.00 -24.73 10.21
N GLU B 109 -7.47 -25.58 9.29
CA GLU B 109 -8.06 -25.09 8.05
C GLU B 109 -9.29 -24.24 8.31
N ARG B 110 -10.03 -24.56 9.38
CA ARG B 110 -11.15 -23.71 9.76
C ARG B 110 -10.65 -22.38 10.31
N HIS B 111 -9.58 -22.42 11.11
CA HIS B 111 -8.94 -21.20 11.59
C HIS B 111 -8.28 -20.42 10.47
N PHE B 112 -7.84 -21.11 9.42
CA PHE B 112 -7.14 -20.45 8.32
C PHE B 112 -8.07 -19.55 7.52
N GLY B 113 -9.34 -19.90 7.40
CA GLY B 113 -10.27 -19.06 6.67
C GLY B 113 -10.52 -17.71 7.31
N GLU B 114 -10.37 -17.62 8.63
CA GLU B 114 -10.61 -16.39 9.37
C GLU B 114 -9.34 -15.60 9.65
N GLN B 115 -8.21 -16.01 9.07
CA GLN B 115 -6.90 -15.38 9.29
C GLN B 115 -5.78 -16.22 8.70
N ASN B 116 -5.37 -15.88 7.48
CA ASN B 116 -4.24 -16.57 6.85
C ASN B 116 -2.96 -16.40 7.63
N LYS B 117 -2.61 -15.16 7.98
CA LYS B 117 -1.41 -14.87 8.74
C LYS B 117 -1.76 -14.54 10.19
N PRO B 118 -1.78 -15.54 11.07
CA PRO B 118 -2.11 -15.28 12.46
C PRO B 118 -0.93 -14.71 13.23
N SER B 119 -1.24 -13.96 14.27
CA SER B 119 -0.20 -13.32 15.07
C SER B 119 0.54 -14.37 15.89
N SER B 120 1.67 -13.94 16.46
CA SER B 120 2.43 -14.82 17.35
C SER B 120 1.62 -15.27 18.55
N GLN B 121 0.58 -14.52 18.93
CA GLN B 121 -0.26 -14.89 20.07
C GLN B 121 -1.36 -15.87 19.69
N GLU B 122 -2.00 -15.68 18.53
CA GLU B 122 -2.98 -16.66 18.07
C GLU B 122 -2.35 -18.03 17.86
N ILE B 123 -1.09 -18.07 17.46
CA ILE B 123 -0.43 -19.36 17.24
C ILE B 123 -0.33 -20.12 18.57
N MET B 124 -0.02 -19.42 19.65
CA MET B 124 0.00 -20.07 20.96
C MET B 124 -1.40 -20.43 21.42
N ARG B 125 -2.39 -19.63 21.04
CA ARG B 125 -3.77 -19.91 21.40
C ARG B 125 -4.28 -21.15 20.69
N MET B 126 -3.83 -21.38 19.45
CA MET B 126 -4.24 -22.55 18.70
C MET B 126 -3.43 -23.77 19.11
N ALA B 127 -2.13 -23.59 19.34
CA ALA B 127 -1.29 -24.69 19.79
C ALA B 127 -1.82 -25.32 21.06
N GLU B 128 -2.37 -24.52 21.97
CA GLU B 128 -2.98 -25.04 23.18
C GLU B 128 -4.36 -25.62 22.90
N GLU B 129 -5.14 -24.95 22.05
CA GLU B 129 -6.47 -25.42 21.72
C GLU B 129 -6.43 -26.73 20.96
N LEU B 130 -5.38 -26.98 20.20
CA LEU B 130 -5.25 -28.19 19.40
C LEU B 130 -4.27 -29.19 19.99
N ASN B 131 -3.62 -28.86 21.10
CA ASN B 131 -2.67 -29.74 21.77
C ASN B 131 -1.47 -30.02 20.88
N LEU B 132 -0.92 -28.95 20.31
CA LEU B 132 0.27 -29.03 19.47
C LEU B 132 1.30 -28.03 19.96
N GLU B 133 2.55 -28.24 19.57
CA GLU B 133 3.60 -27.27 19.88
C GLU B 133 3.41 -26.01 19.06
N LYS B 134 3.95 -24.89 19.57
CA LYS B 134 3.80 -23.62 18.89
C LYS B 134 4.52 -23.63 17.55
N GLU B 135 5.71 -24.21 17.50
CA GLU B 135 6.47 -24.23 16.25
C GLU B 135 5.74 -25.04 15.19
N VAL B 136 5.16 -26.17 15.58
CA VAL B 136 4.45 -27.02 14.63
C VAL B 136 3.31 -26.25 13.98
N VAL B 137 2.60 -25.43 14.77
CA VAL B 137 1.51 -24.64 14.22
C VAL B 137 2.04 -23.51 13.37
N ARG B 138 3.19 -22.93 13.74
CA ARG B 138 3.78 -21.87 12.94
C ARG B 138 4.15 -22.37 11.56
N VAL B 139 4.88 -23.47 11.49
CA VAL B 139 5.30 -24.03 10.21
C VAL B 139 4.09 -24.49 9.40
N TRP B 140 3.03 -24.95 10.06
CA TRP B 140 1.82 -25.34 9.33
C TRP B 140 1.27 -24.17 8.54
N PHE B 141 1.07 -23.02 9.19
CA PHE B 141 0.56 -21.85 8.49
C PHE B 141 1.51 -21.38 7.40
N CYS B 142 2.83 -21.52 7.63
CA CYS B 142 3.78 -21.20 6.59
C CYS B 142 3.56 -22.06 5.36
N ASN B 143 3.58 -23.38 5.53
CA ASN B 143 3.32 -24.29 4.43
C ASN B 143 1.92 -24.12 3.86
N ARG B 144 0.94 -23.81 4.70
CA ARG B 144 -0.40 -23.54 4.21
C ARG B 144 -0.44 -22.30 3.33
N ARG B 145 0.29 -21.25 3.72
CA ARG B 145 0.32 -20.04 2.90
C ARG B 145 0.97 -20.30 1.55
N GLN B 146 2.09 -21.04 1.53
CA GLN B 146 2.71 -21.40 0.27
C GLN B 146 1.79 -22.21 -0.62
N ARG B 147 0.91 -23.01 -0.01
CA ARG B 147 0.00 -23.85 -0.78
CA ARG B 147 0.01 -23.85 -0.79
C ARG B 147 -0.97 -23.02 -1.61
N GLU B 148 -1.29 -21.82 -1.15
CA GLU B 148 -2.14 -20.93 -1.93
C GLU B 148 -1.37 -20.14 -2.96
N LYS B 149 -0.05 -20.27 -3.00
CA LYS B 149 0.78 -19.60 -3.99
C LYS B 149 1.18 -20.49 -5.14
N ARG B 150 0.98 -21.80 -5.04
CA ARG B 150 1.35 -22.70 -6.12
C ARG B 150 0.38 -22.52 -7.29
N VAL B 151 0.84 -22.90 -8.48
CA VAL B 151 0.07 -22.62 -9.68
C VAL B 151 -1.15 -23.54 -9.75
N LYS B 152 -1.07 -24.72 -9.17
CA LYS B 152 -2.18 -25.67 -9.24
C LYS B 152 -2.36 -26.38 -7.90
N SER E 5 -32.28 14.78 -20.10
CA SER E 5 -33.69 14.44 -20.12
C SER E 5 -34.52 15.54 -19.45
N PRO E 6 -35.79 15.67 -19.86
CA PRO E 6 -36.64 16.72 -19.27
C PRO E 6 -36.84 16.56 -17.78
N GLU E 7 -36.73 15.35 -17.24
CA GLU E 7 -36.86 15.17 -15.80
C GLU E 7 -35.58 15.53 -15.06
N ILE E 8 -34.42 15.27 -15.65
CA ILE E 8 -33.16 15.65 -15.00
C ILE E 8 -33.05 17.16 -14.91
N ARG E 9 -33.50 17.87 -15.95
CA ARG E 9 -33.48 19.32 -15.92
C ARG E 9 -34.39 19.84 -14.80
N GLU E 10 -35.60 19.31 -14.71
CA GLU E 10 -36.49 19.66 -13.61
C GLU E 10 -35.92 19.24 -12.27
N LEU E 11 -35.01 18.26 -12.26
CA LEU E 11 -34.38 17.81 -11.03
C LEU E 11 -33.27 18.77 -10.61
N GLU E 12 -32.47 19.22 -11.56
CA GLU E 12 -31.43 20.21 -11.26
C GLU E 12 -32.02 21.50 -10.73
N LYS E 13 -33.08 22.00 -11.39
CA LYS E 13 -33.68 23.27 -10.99
C LYS E 13 -34.12 23.24 -9.53
N PHE E 14 -34.78 22.16 -9.11
CA PHE E 14 -35.20 22.08 -7.71
C PHE E 14 -33.99 22.01 -6.78
N ALA E 15 -32.98 21.23 -7.14
CA ALA E 15 -31.80 21.11 -6.30
C ALA E 15 -31.14 22.47 -6.10
N ASN E 16 -31.08 23.28 -7.15
CA ASN E 16 -30.54 24.62 -7.03
C ASN E 16 -31.47 25.51 -6.21
N GLU E 17 -32.78 25.44 -6.48
CA GLU E 17 -33.73 26.26 -5.74
C GLU E 17 -33.82 25.82 -4.27
N PHE E 18 -33.73 24.51 -4.01
CA PHE E 18 -33.73 24.05 -2.62
C PHE E 18 -32.50 24.54 -1.87
N LYS E 19 -31.36 24.63 -2.54
CA LYS E 19 -30.13 25.06 -1.88
C LYS E 19 -30.23 26.51 -1.45
N VAL E 20 -30.69 27.37 -2.35
CA VAL E 20 -30.81 28.80 -2.03
C VAL E 20 -31.85 29.01 -0.95
N ARG E 21 -33.04 28.43 -1.12
CA ARG E 21 -34.11 28.62 -0.14
C ARG E 21 -33.73 28.06 1.22
N ARG E 22 -32.88 27.04 1.26
CA ARG E 22 -32.43 26.51 2.54
C ARG E 22 -31.51 27.47 3.25
N ILE E 23 -30.59 28.11 2.51
CA ILE E 23 -29.62 29.00 3.13
C ILE E 23 -30.27 30.31 3.55
N LYS E 24 -31.09 30.89 2.67
CA LYS E 24 -31.78 32.13 3.00
C LYS E 24 -32.69 31.95 4.22
N LEU E 25 -33.17 30.74 4.46
CA LEU E 25 -33.95 30.44 5.65
C LEU E 25 -33.08 30.11 6.85
N GLY E 26 -31.76 30.11 6.69
CA GLY E 26 -30.87 29.87 7.82
C GLY E 26 -30.80 28.45 8.28
N TYR E 27 -31.05 27.48 7.39
CA TYR E 27 -30.95 26.07 7.70
C TYR E 27 -29.61 25.52 7.23
N THR E 28 -28.98 24.69 8.06
CA THR E 28 -27.82 23.93 7.63
C THR E 28 -28.27 22.58 7.09
N GLN E 29 -27.38 21.94 6.32
CA GLN E 29 -27.69 20.61 5.77
C GLN E 29 -28.04 19.64 6.88
N THR E 30 -27.35 19.71 8.02
CA THR E 30 -27.68 18.86 9.15
C THR E 30 -29.05 19.19 9.72
N ASN E 31 -29.46 20.46 9.68
CA ASN E 31 -30.76 20.83 10.22
C ASN E 31 -31.89 20.28 9.35
N VAL E 32 -31.74 20.37 8.03
CA VAL E 32 -32.75 19.82 7.14
C VAL E 32 -32.89 18.32 7.34
N GLY E 33 -31.77 17.61 7.47
CA GLY E 33 -31.83 16.18 7.71
C GLY E 33 -32.56 15.82 8.99
N GLU E 34 -32.41 16.65 10.02
CA GLU E 34 -33.08 16.39 11.29
C GLU E 34 -34.55 16.81 11.25
N ALA E 35 -34.84 17.96 10.66
CA ALA E 35 -36.18 18.52 10.68
C ALA E 35 -37.09 17.90 9.64
N LEU E 36 -36.81 16.67 9.21
CA LEU E 36 -37.65 15.98 8.25
C LEU E 36 -38.49 14.88 8.88
N ALA E 37 -38.24 14.53 10.14
CA ALA E 37 -39.07 13.54 10.82
C ALA E 37 -40.52 13.99 10.94
N ALA E 38 -40.78 15.29 10.82
CA ALA E 38 -42.15 15.79 10.93
C ALA E 38 -42.97 15.44 9.69
N VAL E 39 -42.33 15.39 8.53
CA VAL E 39 -43.02 15.12 7.26
C VAL E 39 -42.71 13.74 6.73
N HIS E 40 -41.81 12.99 7.38
CA HIS E 40 -41.39 11.69 6.86
C HIS E 40 -41.60 10.61 7.91
N GLY E 41 -41.45 10.96 9.18
CA GLY E 41 -41.55 10.01 10.27
C GLY E 41 -40.21 9.50 10.75
N SER E 42 -39.12 9.97 10.15
CA SER E 42 -37.76 9.57 10.45
C SER E 42 -36.84 10.56 9.77
N GLU E 43 -35.69 10.79 10.37
CA GLU E 43 -34.77 11.82 9.90
C GLU E 43 -33.73 11.22 8.98
N PHE E 44 -33.08 12.10 8.22
CA PHE E 44 -32.02 11.73 7.30
C PHE E 44 -30.69 12.27 7.84
N SER E 45 -29.70 12.34 6.97
CA SER E 45 -28.36 12.72 7.38
C SER E 45 -27.84 13.83 6.49
N GLN E 46 -26.90 14.61 7.02
CA GLN E 46 -26.29 15.67 6.24
C GLN E 46 -25.62 15.10 4.99
N THR E 47 -25.13 13.87 5.07
CA THR E 47 -24.59 13.20 3.90
C THR E 47 -25.64 13.05 2.81
N THR E 48 -26.82 12.55 3.18
CA THR E 48 -27.88 12.33 2.21
C THR E 48 -28.35 13.65 1.60
N ILE E 49 -28.53 14.67 2.42
CA ILE E 49 -28.97 15.98 1.91
C ILE E 49 -27.91 16.55 0.97
N CYS E 50 -26.63 16.48 1.37
CA CYS E 50 -25.55 16.96 0.52
C CYS E 50 -25.56 16.25 -0.84
N ARG E 51 -25.79 14.93 -0.84
CA ARG E 51 -25.86 14.19 -2.09
C ARG E 51 -26.98 14.71 -2.98
N PHE E 52 -28.10 15.11 -2.38
CA PHE E 52 -29.23 15.59 -3.18
C PHE E 52 -28.92 16.92 -3.85
N GLU E 53 -28.43 17.89 -3.08
CA GLU E 53 -28.11 19.20 -3.66
C GLU E 53 -27.11 19.09 -4.79
N ASN E 54 -26.13 18.21 -4.66
CA ASN E 54 -25.16 17.97 -5.72
C ASN E 54 -25.60 16.86 -6.66
N LEU E 55 -26.82 16.35 -6.49
CA LEU E 55 -27.37 15.29 -7.34
C LEU E 55 -26.45 14.09 -7.40
N GLN E 56 -25.90 13.69 -6.26
CA GLN E 56 -25.07 12.49 -6.15
C GLN E 56 -25.89 11.33 -5.59
N LEU E 57 -26.93 10.97 -6.34
CA LEU E 57 -27.76 9.82 -6.03
C LEU E 57 -28.29 9.24 -7.33
N SER E 58 -28.95 8.09 -7.21
CA SER E 58 -29.55 7.48 -8.37
C SER E 58 -30.74 8.30 -8.83
N PHE E 59 -31.13 8.10 -10.09
CA PHE E 59 -32.26 8.84 -10.62
C PHE E 59 -33.53 8.56 -9.81
N LYS E 60 -33.76 7.30 -9.47
CA LYS E 60 -34.94 6.94 -8.68
C LYS E 60 -34.89 7.55 -7.29
N ASN E 61 -33.74 7.48 -6.62
CA ASN E 61 -33.63 8.04 -5.28
C ASN E 61 -33.80 9.56 -5.29
N ALA E 62 -33.31 10.23 -6.32
CA ALA E 62 -33.44 11.68 -6.39
C ALA E 62 -34.90 12.10 -6.50
N CYS E 63 -35.68 11.38 -7.30
CA CYS E 63 -37.10 11.68 -7.43
C CYS E 63 -37.83 11.50 -6.11
N LYS E 64 -37.47 10.46 -5.36
CA LYS E 64 -38.06 10.25 -4.04
C LYS E 64 -37.77 11.42 -3.11
N LEU E 65 -36.50 11.78 -2.96
CA LEU E 65 -36.12 12.80 -2.00
C LEU E 65 -36.68 14.17 -2.37
N LYS E 66 -36.71 14.50 -3.66
CA LYS E 66 -37.30 15.77 -4.08
C LYS E 66 -38.75 15.87 -3.62
N ALA E 67 -39.48 14.76 -3.65
CA ALA E 67 -40.86 14.77 -3.16
C ALA E 67 -40.90 15.00 -1.66
N ILE E 68 -40.05 14.30 -0.91
CA ILE E 68 -40.01 14.49 0.54
C ILE E 68 -39.56 15.90 0.88
N LEU E 69 -38.55 16.41 0.18
CA LEU E 69 -37.97 17.70 0.52
C LEU E 69 -38.87 18.86 0.08
N SER E 70 -39.56 18.71 -1.05
CA SER E 70 -40.43 19.80 -1.52
C SER E 70 -41.59 20.02 -0.54
N LYS E 71 -42.18 18.93 -0.03
CA LYS E 71 -43.23 19.07 0.96
C LYS E 71 -42.71 19.71 2.23
N TRP E 72 -41.46 19.44 2.61
CA TRP E 72 -40.89 20.06 3.79
C TRP E 72 -40.58 21.53 3.55
N LEU E 73 -39.99 21.85 2.40
CA LEU E 73 -39.64 23.24 2.09
C LEU E 73 -40.87 24.14 2.19
N GLU E 74 -41.96 23.73 1.54
CA GLU E 74 -43.22 24.45 1.68
C GLU E 74 -43.60 24.60 3.15
N GLU E 75 -43.54 23.49 3.90
CA GLU E 75 -43.92 23.53 5.30
C GLU E 75 -42.97 24.39 6.13
N ALA E 76 -41.72 24.55 5.68
CA ALA E 76 -40.75 25.33 6.42
C ALA E 76 -40.59 26.76 5.90
N GLU E 77 -41.66 27.36 5.39
CA GLU E 77 -41.64 28.77 5.02
C GLU E 77 -42.46 29.52 6.05
N GLN E 78 -41.79 29.90 7.13
CA GLN E 78 -42.44 30.60 8.23
C GLN E 78 -41.75 31.92 8.49
N LYS E 95 -17.59 2.36 14.27
CA LYS E 95 -16.22 1.92 14.51
C LYS E 95 -15.22 2.94 13.97
N ARG E 96 -14.41 2.53 13.01
CA ARG E 96 -13.42 3.40 12.40
C ARG E 96 -13.15 2.93 10.99
N ARG E 97 -12.89 3.89 10.11
CA ARG E 97 -12.57 3.61 8.72
C ARG E 97 -11.09 3.26 8.57
N THR E 98 -10.78 2.53 7.51
CA THR E 98 -9.41 2.19 7.16
C THR E 98 -9.02 3.04 5.96
N THR E 99 -7.92 3.78 6.10
CA THR E 99 -7.54 4.73 5.07
C THR E 99 -6.76 4.03 3.95
N ILE E 100 -7.17 4.30 2.72
CA ILE E 100 -6.52 3.73 1.54
C ILE E 100 -5.48 4.73 1.05
N SER E 101 -4.29 4.24 0.72
CA SER E 101 -3.23 5.11 0.24
C SER E 101 -3.65 5.76 -1.08
N ILE E 102 -3.08 6.94 -1.35
CA ILE E 102 -3.38 7.63 -2.60
C ILE E 102 -2.93 6.79 -3.78
N ALA E 103 -1.81 6.08 -3.61
CA ALA E 103 -1.30 5.22 -4.69
C ALA E 103 -2.23 4.05 -4.94
N ALA E 104 -2.84 3.50 -3.89
CA ALA E 104 -3.79 2.41 -4.08
C ALA E 104 -5.03 2.90 -4.82
N LYS E 105 -5.49 4.10 -4.50
CA LYS E 105 -6.65 4.66 -5.19
C LYS E 105 -6.37 4.79 -6.67
N ASP E 106 -5.19 5.29 -7.02
CA ASP E 106 -4.81 5.39 -8.43
C ASP E 106 -4.67 4.02 -9.07
N ALA E 107 -4.22 3.03 -8.31
CA ALA E 107 -4.13 1.67 -8.84
C ALA E 107 -5.51 1.05 -9.03
N LEU E 108 -6.36 1.14 -7.99
CA LEU E 108 -7.70 0.57 -8.09
C LEU E 108 -8.50 1.23 -9.20
N GLU E 109 -8.46 2.56 -9.28
CA GLU E 109 -9.17 3.24 -10.37
C GLU E 109 -8.60 2.85 -11.73
N ARG E 110 -7.30 2.54 -11.80
CA ARG E 110 -6.73 2.07 -13.05
C ARG E 110 -7.24 0.68 -13.38
N HIS E 111 -7.34 -0.20 -12.38
CA HIS E 111 -7.92 -1.52 -12.58
C HIS E 111 -9.41 -1.43 -12.91
N PHE E 112 -10.11 -0.41 -12.41
CA PHE E 112 -11.53 -0.31 -12.69
C PHE E 112 -11.78 0.02 -14.16
N GLY E 113 -10.86 0.76 -14.79
CA GLY E 113 -10.98 1.03 -16.21
C GLY E 113 -10.84 -0.22 -17.06
N GLU E 114 -10.19 -1.26 -16.52
CA GLU E 114 -9.99 -2.51 -17.24
C GLU E 114 -11.04 -3.55 -16.92
N GLN E 115 -11.67 -3.47 -15.75
CA GLN E 115 -12.67 -4.46 -15.36
C GLN E 115 -13.59 -3.84 -14.31
N ASN E 116 -14.76 -3.35 -14.76
CA ASN E 116 -15.74 -2.83 -13.83
C ASN E 116 -16.19 -3.90 -12.84
N LYS E 117 -16.51 -5.09 -13.35
CA LYS E 117 -16.93 -6.22 -12.55
C LYS E 117 -15.78 -7.22 -12.42
N PRO E 118 -14.93 -7.08 -11.41
CA PRO E 118 -13.80 -8.01 -11.25
C PRO E 118 -14.24 -9.32 -10.61
N SER E 119 -13.48 -10.37 -10.90
CA SER E 119 -13.81 -11.68 -10.39
C SER E 119 -13.52 -11.76 -8.90
N SER E 120 -14.08 -12.78 -8.26
CA SER E 120 -13.79 -13.01 -6.85
C SER E 120 -12.31 -13.31 -6.63
N GLN E 121 -11.62 -13.83 -7.65
CA GLN E 121 -10.20 -14.10 -7.58
C GLN E 121 -9.38 -12.88 -7.97
N GLU E 122 -9.82 -12.12 -8.98
CA GLU E 122 -9.14 -10.88 -9.31
C GLU E 122 -9.17 -9.91 -8.13
N ILE E 123 -10.22 -9.95 -7.32
CA ILE E 123 -10.26 -9.13 -6.12
C ILE E 123 -9.19 -9.57 -5.14
N MET E 124 -8.99 -10.88 -5.01
CA MET E 124 -7.96 -11.39 -4.11
C MET E 124 -6.56 -11.10 -4.63
N ARG E 125 -6.38 -11.09 -5.95
CA ARG E 125 -5.06 -10.79 -6.52
C ARG E 125 -4.68 -9.34 -6.28
N MET E 126 -5.65 -8.43 -6.25
CA MET E 126 -5.35 -7.02 -6.02
C MET E 126 -5.19 -6.73 -4.53
N ALA E 127 -6.03 -7.34 -3.69
CA ALA E 127 -5.89 -7.17 -2.26
C ALA E 127 -4.51 -7.54 -1.77
N GLU E 128 -3.92 -8.57 -2.37
CA GLU E 128 -2.55 -8.96 -2.02
C GLU E 128 -1.54 -8.01 -2.65
N GLU E 129 -1.80 -7.57 -3.88
CA GLU E 129 -0.89 -6.63 -4.54
C GLU E 129 -0.86 -5.29 -3.82
N LEU E 130 -1.95 -4.91 -3.17
CA LEU E 130 -2.04 -3.63 -2.49
C LEU E 130 -1.96 -3.74 -0.98
N ASN E 131 -1.91 -4.95 -0.42
CA ASN E 131 -1.83 -5.17 1.02
C ASN E 131 -3.06 -4.61 1.72
N LEU E 132 -4.23 -4.96 1.20
CA LEU E 132 -5.50 -4.58 1.78
C LEU E 132 -6.34 -5.82 2.00
N GLU E 133 -7.33 -5.71 2.89
CA GLU E 133 -8.23 -6.82 3.12
C GLU E 133 -9.09 -7.07 1.88
N LYS E 134 -9.58 -8.31 1.77
CA LYS E 134 -10.41 -8.66 0.63
C LYS E 134 -11.72 -7.89 0.64
N GLU E 135 -12.30 -7.70 1.82
CA GLU E 135 -13.60 -7.02 1.91
C GLU E 135 -13.51 -5.57 1.45
N VAL E 136 -12.50 -4.84 1.93
CA VAL E 136 -12.40 -3.41 1.60
C VAL E 136 -12.27 -3.20 0.10
N VAL E 137 -11.53 -4.08 -0.59
CA VAL E 137 -11.41 -3.93 -2.04
C VAL E 137 -12.70 -4.34 -2.72
N ARG E 138 -13.40 -5.33 -2.16
CA ARG E 138 -14.67 -5.75 -2.74
C ARG E 138 -15.69 -4.62 -2.69
N VAL E 139 -15.90 -4.04 -1.51
CA VAL E 139 -16.85 -2.94 -1.38
C VAL E 139 -16.40 -1.72 -2.19
N TRP E 140 -15.09 -1.52 -2.32
CA TRP E 140 -14.60 -0.39 -3.11
C TRP E 140 -15.14 -0.45 -4.53
N PHE E 141 -14.96 -1.59 -5.20
CA PHE E 141 -15.47 -1.73 -6.56
C PHE E 141 -16.99 -1.60 -6.60
N CYS E 142 -17.67 -2.09 -5.56
CA CYS E 142 -19.12 -1.92 -5.47
C CYS E 142 -19.49 -0.44 -5.43
N ASN E 143 -18.93 0.28 -4.45
CA ASN E 143 -19.19 1.71 -4.36
C ASN E 143 -18.70 2.45 -5.61
N ARG E 144 -17.62 1.98 -6.22
CA ARG E 144 -17.16 2.56 -7.47
C ARG E 144 -18.19 2.33 -8.57
N ARG E 145 -18.78 1.14 -8.61
CA ARG E 145 -19.82 0.86 -9.60
C ARG E 145 -21.06 1.70 -9.37
N GLN E 146 -21.50 1.80 -8.11
CA GLN E 146 -22.66 2.61 -7.76
C GLN E 146 -22.43 4.09 -8.08
N ARG E 147 -21.19 4.54 -8.11
CA ARG E 147 -20.90 5.95 -8.38
C ARG E 147 -21.16 6.30 -9.83
N GLU E 148 -20.94 5.37 -10.75
CA GLU E 148 -21.35 5.59 -12.14
C GLU E 148 -22.85 5.43 -12.34
N LYS E 149 -23.58 5.08 -11.28
CA LYS E 149 -25.03 4.95 -11.31
C LYS E 149 -25.72 6.19 -10.78
N ARG E 150 -25.02 7.32 -10.76
CA ARG E 150 -25.50 8.58 -10.23
CA ARG E 150 -25.56 8.55 -10.22
C ARG E 150 -26.12 9.43 -11.33
N VAL E 151 -26.82 10.48 -10.93
CA VAL E 151 -27.34 11.42 -11.91
C VAL E 151 -26.27 12.44 -12.28
N LYS E 152 -25.37 12.74 -11.37
CA LYS E 152 -24.31 13.71 -11.61
C LYS E 152 -23.04 13.28 -10.90
N ASP F 4 9.56 23.19 -5.09
CA ASP F 4 9.07 24.10 -6.13
C ASP F 4 8.78 23.35 -7.41
N SER F 5 7.53 23.42 -7.85
CA SER F 5 7.01 22.75 -9.03
C SER F 5 6.51 23.80 -10.02
N PRO F 6 6.44 23.47 -11.32
CA PRO F 6 5.98 24.47 -12.30
C PRO F 6 4.60 25.02 -12.00
N GLU F 7 3.75 24.27 -11.29
CA GLU F 7 2.46 24.81 -10.89
C GLU F 7 2.62 25.72 -9.68
N ILE F 8 3.53 25.36 -8.76
CA ILE F 8 3.80 26.21 -7.61
C ILE F 8 4.46 27.51 -8.06
N ARG F 9 5.32 27.44 -9.07
CA ARG F 9 6.01 28.63 -9.56
C ARG F 9 5.01 29.65 -10.10
N GLU F 10 4.09 29.19 -10.95
CA GLU F 10 3.05 30.08 -11.47
C GLU F 10 2.13 30.57 -10.36
N LEU F 11 2.07 29.86 -9.24
CA LEU F 11 1.19 30.24 -8.14
C LEU F 11 1.77 31.40 -7.33
N GLU F 12 3.06 31.36 -7.01
CA GLU F 12 3.67 32.46 -6.27
C GLU F 12 3.63 33.75 -7.08
N LYS F 13 4.03 33.68 -8.35
CA LYS F 13 4.11 34.88 -9.18
C LYS F 13 2.74 35.58 -9.26
N PHE F 14 1.69 34.81 -9.51
CA PHE F 14 0.36 35.41 -9.61
C PHE F 14 -0.09 35.96 -8.26
N ALA F 15 0.11 35.20 -7.19
CA ALA F 15 -0.32 35.65 -5.86
C ALA F 15 0.41 36.91 -5.44
N ASN F 16 1.72 36.99 -5.73
CA ASN F 16 2.45 38.21 -5.41
C ASN F 16 1.99 39.37 -6.27
N GLU F 17 1.78 39.11 -7.57
CA GLU F 17 1.28 40.16 -8.45
C GLU F 17 -0.12 40.60 -8.05
N PHE F 18 -0.93 39.65 -7.56
CA PHE F 18 -2.24 40.01 -7.05
C PHE F 18 -2.14 40.91 -5.82
N LYS F 19 -1.10 40.73 -5.02
CA LYS F 19 -0.95 41.52 -3.80
C LYS F 19 -0.67 42.98 -4.10
N VAL F 20 0.26 43.25 -5.02
CA VAL F 20 0.60 44.64 -5.35
C VAL F 20 -0.58 45.33 -6.01
N ARG F 21 -1.17 44.69 -7.03
CA ARG F 21 -2.29 45.30 -7.73
C ARG F 21 -3.48 45.50 -6.83
N ARG F 22 -3.63 44.68 -5.79
CA ARG F 22 -4.72 44.87 -4.84
C ARG F 22 -4.54 46.15 -4.03
N ILE F 23 -3.31 46.44 -3.60
CA ILE F 23 -3.06 47.65 -2.84
C ILE F 23 -3.07 48.88 -3.75
N LYS F 24 -2.45 48.76 -4.92
CA LYS F 24 -2.40 49.88 -5.86
C LYS F 24 -3.80 50.36 -6.26
N LEU F 25 -4.79 49.47 -6.27
CA LEU F 25 -6.16 49.85 -6.55
C LEU F 25 -6.91 50.31 -5.31
N GLY F 26 -6.27 50.31 -4.14
CA GLY F 26 -6.91 50.83 -2.95
C GLY F 26 -7.98 49.93 -2.38
N TYR F 27 -7.86 48.63 -2.60
CA TYR F 27 -8.81 47.66 -2.06
C TYR F 27 -8.26 47.04 -0.79
N THR F 28 -9.12 46.89 0.22
CA THR F 28 -8.77 46.12 1.40
C THR F 28 -9.18 44.66 1.19
N GLN F 29 -8.59 43.79 2.01
CA GLN F 29 -8.90 42.37 1.91
C GLN F 29 -10.39 42.12 2.04
N THR F 30 -11.06 42.86 2.94
CA THR F 30 -12.49 42.72 3.05
C THR F 30 -13.20 43.22 1.79
N ASN F 31 -12.67 44.25 1.13
CA ASN F 31 -13.32 44.77 -0.06
C ASN F 31 -13.23 43.78 -1.22
N VAL F 32 -12.08 43.16 -1.43
CA VAL F 32 -11.97 42.15 -2.47
C VAL F 32 -12.89 40.98 -2.15
N GLY F 33 -12.98 40.61 -0.87
CA GLY F 33 -13.89 39.57 -0.47
C GLY F 33 -15.34 39.90 -0.77
N GLU F 34 -15.71 41.18 -0.68
CA GLU F 34 -17.08 41.58 -0.98
C GLU F 34 -17.31 41.71 -2.48
N ALA F 35 -16.39 42.35 -3.19
CA ALA F 35 -16.58 42.70 -4.59
C ALA F 35 -16.27 41.57 -5.57
N LEU F 36 -16.29 40.30 -5.17
CA LEU F 36 -16.04 39.22 -6.13
C LEU F 36 -17.29 38.43 -6.47
N ALA F 37 -18.41 38.70 -5.78
CA ALA F 37 -19.67 38.01 -6.08
C ALA F 37 -20.13 38.19 -7.52
N ALA F 38 -19.59 39.16 -8.25
CA ALA F 38 -19.97 39.35 -9.64
C ALA F 38 -19.46 38.23 -10.52
N VAL F 39 -18.33 37.64 -10.17
CA VAL F 39 -17.71 36.56 -10.95
C VAL F 39 -17.86 35.21 -10.27
N HIS F 40 -18.42 35.17 -9.06
CA HIS F 40 -18.51 33.95 -8.28
C HIS F 40 -19.92 33.58 -7.85
N GLY F 41 -20.77 34.57 -7.57
CA GLY F 41 -22.12 34.31 -7.11
C GLY F 41 -22.29 34.35 -5.61
N SER F 42 -21.21 34.63 -4.87
CA SER F 42 -21.19 34.67 -3.42
C SER F 42 -19.87 35.30 -3.00
N GLU F 43 -19.88 35.98 -1.87
CA GLU F 43 -18.73 36.74 -1.43
C GLU F 43 -17.85 35.91 -0.50
N PHE F 44 -16.59 36.35 -0.35
CA PHE F 44 -15.63 35.70 0.50
C PHE F 44 -15.30 36.57 1.71
N SER F 45 -14.21 36.25 2.38
CA SER F 45 -13.82 36.91 3.63
C SER F 45 -12.35 37.32 3.54
N GLN F 46 -12.01 38.33 4.35
CA GLN F 46 -10.62 38.77 4.39
C GLN F 46 -9.68 37.66 4.82
N THR F 47 -10.17 36.75 5.69
CA THR F 47 -9.37 35.58 6.07
C THR F 47 -9.05 34.73 4.85
N THR F 48 -10.07 34.44 4.03
CA THR F 48 -9.87 33.62 2.85
C THR F 48 -8.90 34.29 1.89
N ILE F 49 -9.06 35.59 1.67
CA ILE F 49 -8.15 36.33 0.79
C ILE F 49 -6.74 36.32 1.37
N CYS F 50 -6.61 36.59 2.66
CA CYS F 50 -5.30 36.56 3.31
C CYS F 50 -4.64 35.20 3.16
N ARG F 51 -5.42 34.13 3.33
CA ARG F 51 -4.88 32.79 3.15
C ARG F 51 -4.37 32.59 1.73
N PHE F 52 -5.07 33.16 0.74
CA PHE F 52 -4.61 33.06 -0.63
C PHE F 52 -3.36 33.91 -0.84
N GLU F 53 -3.39 35.15 -0.35
CA GLU F 53 -2.23 36.04 -0.49
C GLU F 53 -0.98 35.42 0.10
N ASN F 54 -1.12 34.78 1.26
CA ASN F 54 -0.02 34.07 1.90
C ASN F 54 0.04 32.60 1.51
N LEU F 55 -0.80 32.16 0.57
CA LEU F 55 -0.85 30.77 0.14
C LEU F 55 -1.02 29.82 1.32
N GLN F 56 -1.91 30.18 2.24
CA GLN F 56 -2.21 29.30 3.37
C GLN F 56 -3.52 28.55 3.13
N LEU F 57 -3.52 27.82 2.02
CA LEU F 57 -4.59 26.89 1.68
C LEU F 57 -3.99 25.81 0.77
N SER F 58 -4.81 24.81 0.46
CA SER F 58 -4.33 23.69 -0.33
C SER F 58 -4.04 24.10 -1.77
N PHE F 59 -3.22 23.29 -2.44
CA PHE F 59 -2.85 23.54 -3.82
C PHE F 59 -4.07 23.56 -4.73
N LYS F 60 -4.96 22.58 -4.58
CA LYS F 60 -6.16 22.53 -5.40
C LYS F 60 -7.05 23.74 -5.13
N ASN F 61 -7.19 24.09 -3.86
CA ASN F 61 -7.98 25.27 -3.52
C ASN F 61 -7.33 26.53 -4.08
N ALA F 62 -6.00 26.57 -4.12
CA ALA F 62 -5.29 27.72 -4.68
C ALA F 62 -5.53 27.85 -6.17
N CYS F 63 -5.49 26.74 -6.90
CA CYS F 63 -5.78 26.79 -8.33
C CYS F 63 -7.21 27.24 -8.57
N LYS F 64 -8.14 26.79 -7.73
CA LYS F 64 -9.52 27.25 -7.83
C LYS F 64 -9.60 28.75 -7.61
N LEU F 65 -9.01 29.25 -6.52
CA LEU F 65 -9.09 30.67 -6.21
C LEU F 65 -8.35 31.52 -7.24
N LYS F 66 -7.21 31.02 -7.74
CA LYS F 66 -6.49 31.75 -8.77
C LYS F 66 -7.37 31.95 -10.00
N ALA F 67 -8.19 30.95 -10.33
CA ALA F 67 -9.10 31.08 -11.46
C ALA F 67 -10.17 32.13 -11.18
N ILE F 68 -10.79 32.07 -10.01
CA ILE F 68 -11.82 33.05 -9.66
C ILE F 68 -11.22 34.45 -9.57
N LEU F 69 -10.05 34.57 -8.95
CA LEU F 69 -9.47 35.89 -8.74
C LEU F 69 -8.92 36.49 -10.03
N SER F 70 -8.39 35.65 -10.92
CA SER F 70 -7.87 36.17 -12.19
C SER F 70 -8.99 36.77 -13.04
N LYS F 71 -10.13 36.08 -13.11
CA LYS F 71 -11.27 36.62 -13.85
C LYS F 71 -11.82 37.87 -13.21
N TRP F 72 -11.77 37.97 -11.88
CA TRP F 72 -12.29 39.15 -11.20
C TRP F 72 -11.40 40.36 -11.43
N LEU F 73 -10.07 40.18 -11.34
CA LEU F 73 -9.14 41.28 -11.52
C LEU F 73 -9.36 41.96 -12.87
N GLU F 74 -9.46 41.17 -13.94
CA GLU F 74 -9.80 41.71 -15.26
C GLU F 74 -11.08 42.53 -15.21
N GLU F 75 -12.14 41.96 -14.64
CA GLU F 75 -13.42 42.65 -14.58
C GLU F 75 -13.38 43.89 -13.69
N ALA F 76 -12.42 43.98 -12.77
CA ALA F 76 -12.28 45.13 -11.89
C ALA F 76 -11.23 46.06 -12.51
N GLU F 77 -11.68 46.79 -13.52
CA GLU F 77 -10.89 47.80 -14.21
C GLU F 77 -11.36 49.19 -13.79
N GLN F 78 -11.09 50.18 -14.62
CA GLN F 78 -11.45 51.57 -14.32
C GLN F 78 -11.46 52.42 -15.59
N ARG F 96 -16.70 34.58 20.55
CA ARG F 96 -16.73 33.88 21.83
C ARG F 96 -15.78 32.68 21.81
N ARG F 97 -14.60 32.87 21.22
CA ARG F 97 -13.61 31.81 21.17
C ARG F 97 -12.81 31.75 22.47
N THR F 98 -12.30 30.57 22.78
CA THR F 98 -11.41 30.37 23.91
C THR F 98 -10.02 30.05 23.37
N THR F 99 -9.04 30.88 23.73
CA THR F 99 -7.68 30.70 23.26
C THR F 99 -6.94 29.71 24.16
N ILE F 100 -6.17 28.83 23.54
CA ILE F 100 -5.46 27.78 24.24
C ILE F 100 -4.10 28.29 24.69
N SER F 101 -3.72 27.96 25.92
CA SER F 101 -2.46 28.43 26.49
C SER F 101 -1.27 27.96 25.67
N ILE F 102 -0.20 28.74 25.71
CA ILE F 102 1.02 28.41 24.98
C ILE F 102 1.61 27.10 25.49
N ALA F 103 1.48 26.83 26.79
CA ALA F 103 2.03 25.59 27.34
C ALA F 103 1.33 24.37 26.78
N ALA F 104 0.01 24.45 26.58
CA ALA F 104 -0.72 23.35 25.97
C ALA F 104 -0.35 23.20 24.50
N LYS F 105 -0.20 24.32 23.79
CA LYS F 105 0.13 24.27 22.36
C LYS F 105 1.46 23.56 22.13
N ASP F 106 2.46 23.90 22.93
CA ASP F 106 3.76 23.25 22.81
C ASP F 106 3.68 21.77 23.17
N ALA F 107 2.79 21.42 24.11
CA ALA F 107 2.58 20.01 24.42
C ALA F 107 1.89 19.30 23.26
N LEU F 108 0.83 19.91 22.72
CA LEU F 108 0.14 19.34 21.58
C LEU F 108 1.08 19.18 20.40
N GLU F 109 1.90 20.19 20.11
CA GLU F 109 2.88 20.06 19.05
C GLU F 109 3.88 18.94 19.33
N ARG F 110 4.19 18.71 20.61
CA ARG F 110 5.01 17.56 20.97
C ARG F 110 4.27 16.26 20.73
N HIS F 111 2.98 16.23 21.12
CA HIS F 111 2.15 15.06 20.85
C HIS F 111 1.90 14.87 19.36
N PHE F 112 1.88 15.96 18.59
CA PHE F 112 1.62 15.85 17.16
C PHE F 112 2.76 15.15 16.43
N GLY F 113 3.99 15.31 16.90
CA GLY F 113 5.11 14.61 16.29
C GLY F 113 5.02 13.12 16.49
N GLU F 114 4.37 12.68 17.56
CA GLU F 114 4.17 11.27 17.87
C GLU F 114 2.76 10.91 17.40
N GLN F 115 2.67 10.26 16.24
CA GLN F 115 1.38 9.87 15.65
C GLN F 115 0.56 11.10 15.32
N ASN F 116 0.58 11.52 14.04
CA ASN F 116 -0.20 12.67 13.61
C ASN F 116 -1.67 12.48 13.87
N LYS F 117 -2.22 11.33 13.48
CA LYS F 117 -3.63 11.03 13.66
C LYS F 117 -3.86 10.08 14.83
N PRO F 118 -4.05 10.61 16.04
CA PRO F 118 -4.28 9.74 17.20
C PRO F 118 -5.69 9.20 17.24
N SER F 119 -5.83 8.06 17.92
CA SER F 119 -7.12 7.39 18.01
C SER F 119 -8.07 8.19 18.90
N SER F 120 -9.35 7.82 18.83
CA SER F 120 -10.36 8.49 19.65
C SER F 120 -10.09 8.31 21.14
N GLN F 121 -9.37 7.27 21.54
CA GLN F 121 -9.02 7.07 22.95
C GLN F 121 -7.76 7.82 23.33
N GLU F 122 -6.77 7.86 22.44
CA GLU F 122 -5.56 8.63 22.69
C GLU F 122 -5.89 10.11 22.89
N ILE F 123 -6.92 10.60 22.21
CA ILE F 123 -7.31 12.00 22.35
C ILE F 123 -7.82 12.28 23.75
N MET F 124 -8.58 11.34 24.33
CA MET F 124 -9.08 11.56 25.68
C MET F 124 -7.96 11.49 26.71
N ARG F 125 -6.92 10.69 26.45
CA ARG F 125 -5.79 10.64 27.36
C ARG F 125 -5.02 11.95 27.36
N MET F 126 -4.98 12.64 26.23
CA MET F 126 -4.31 13.93 26.13
C MET F 126 -5.17 15.07 26.66
N ALA F 127 -6.48 15.01 26.40
CA ALA F 127 -7.39 16.02 26.91
C ALA F 127 -7.28 16.14 28.42
N GLU F 128 -7.06 15.02 29.11
CA GLU F 128 -6.88 15.07 30.56
C GLU F 128 -5.50 15.60 30.93
N GLU F 129 -4.48 15.23 30.17
CA GLU F 129 -3.12 15.72 30.45
C GLU F 129 -3.02 17.22 30.23
N LEU F 130 -3.81 17.79 29.33
CA LEU F 130 -3.74 19.21 29.02
C LEU F 130 -4.89 20.00 29.61
N ASN F 131 -5.84 19.34 30.26
CA ASN F 131 -6.98 19.99 30.91
C ASN F 131 -7.83 20.74 29.89
N LEU F 132 -8.15 20.05 28.80
CA LEU F 132 -9.01 20.60 27.76
C LEU F 132 -10.11 19.61 27.43
N GLU F 133 -11.17 20.12 26.79
CA GLU F 133 -12.26 19.27 26.34
C GLU F 133 -11.80 18.38 25.18
N LYS F 134 -12.50 17.26 25.03
CA LYS F 134 -12.14 16.30 23.98
C LYS F 134 -12.34 16.89 22.59
N GLU F 135 -13.43 17.62 22.39
CA GLU F 135 -13.73 18.18 21.06
C GLU F 135 -12.65 19.17 20.63
N VAL F 136 -12.26 20.05 21.54
CA VAL F 136 -11.28 21.09 21.22
C VAL F 136 -9.96 20.46 20.80
N VAL F 137 -9.56 19.37 21.45
CA VAL F 137 -8.31 18.73 21.10
C VAL F 137 -8.43 18.00 19.76
N ARG F 138 -9.60 17.41 19.48
CA ARG F 138 -9.77 16.71 18.20
C ARG F 138 -9.66 17.68 17.03
N VAL F 139 -10.41 18.78 17.08
CA VAL F 139 -10.36 19.77 16.00
C VAL F 139 -8.98 20.37 15.87
N TRP F 140 -8.24 20.48 16.97
CA TRP F 140 -6.88 21.01 16.90
C TRP F 140 -6.04 20.18 15.94
N PHE F 141 -6.05 18.86 16.11
CA PHE F 141 -5.32 17.99 15.19
C PHE F 141 -5.87 18.09 13.79
N CYS F 142 -7.19 18.29 13.66
CA CYS F 142 -7.78 18.48 12.33
C CYS F 142 -7.18 19.69 11.64
N ASN F 143 -7.27 20.87 12.28
CA ASN F 143 -6.68 22.07 11.70
C ASN F 143 -5.17 21.94 11.59
N ARG F 144 -4.54 21.26 12.54
CA ARG F 144 -3.10 21.01 12.43
C ARG F 144 -2.78 20.13 11.23
N ARG F 145 -3.60 19.11 11.00
CA ARG F 145 -3.41 18.24 9.84
C ARG F 145 -3.63 19.01 8.54
N GLN F 146 -4.67 19.83 8.49
CA GLN F 146 -4.90 20.67 7.32
C GLN F 146 -3.73 21.62 7.09
N ARG F 147 -3.13 22.10 8.17
CA ARG F 147 -2.00 23.03 8.05
C ARG F 147 -0.87 22.42 7.23
N GLU F 148 -0.53 21.16 7.50
CA GLU F 148 0.52 20.50 6.76
C GLU F 148 0.13 20.17 5.33
N LYS F 149 -1.12 20.45 4.95
CA LYS F 149 -1.58 20.23 3.59
C LYS F 149 -1.58 21.51 2.77
N ARG F 150 -1.10 22.60 3.33
CA ARG F 150 -1.00 23.86 2.60
C ARG F 150 0.08 23.76 1.53
N VAL F 151 0.10 24.76 0.65
CA VAL F 151 1.13 24.83 -0.37
C VAL F 151 2.39 25.52 0.14
N LYS F 152 2.26 26.39 1.16
CA LYS F 152 3.35 27.18 1.71
C LYS F 152 2.81 28.20 2.70
#